data_7ZC9
#
_entry.id   7ZC9
#
_cell.length_a   73.805
_cell.length_b   103.818
_cell.length_c   133.534
_cell.angle_alpha   90.000
_cell.angle_beta   90.000
_cell.angle_gamma   90.000
#
_symmetry.space_group_name_H-M   'C 2 2 21'
#
loop_
_entity.id
_entity.type
_entity.pdbx_description
1 polymer Pikachurin
2 non-polymer 2-acetamido-2-deoxy-beta-D-glucopyranose
3 non-polymer 'SULFATE ION'
4 water water
#
_entity_poly.entity_id   1
_entity_poly.type   'polypeptide(L)'
_entity_poly.pdbx_seq_one_letter_code
;GSHHHHHHGSAIIEAIEIPQFIGRSYLTYDNPDILKRVSGSRSNVFMRFKTTAKDGLLLWRGDSPMRPNSDFISLGLRDG
ALVFSYNLGSGVASIMVNGSFNDGRWHRVKAVRDGQSGKITVDDYGARTGKSPGMMRQLNINGALYVGGMKEIALHTNRQ
YMRGLVGCISHFTLSTDYHISLVEDAVDGKNINTCGAKAAA
;
_entity_poly.pdbx_strand_id   B,A
#
# COMPACT_ATOMS: atom_id res chain seq x y z
N SER A 10 -5.68 12.59 49.04
CA SER A 10 -5.22 12.92 47.69
C SER A 10 -6.01 12.16 46.63
N ALA A 11 -5.95 12.65 45.40
CA ALA A 11 -6.70 12.05 44.29
C ALA A 11 -5.76 11.38 43.31
N ILE A 12 -4.92 10.46 43.80
CA ILE A 12 -3.98 9.72 42.98
C ILE A 12 -4.66 8.46 42.45
N ILE A 13 -4.67 8.31 41.14
CA ILE A 13 -5.34 7.20 40.46
C ILE A 13 -4.30 6.14 40.11
N GLU A 14 -4.73 4.88 40.10
CA GLU A 14 -3.90 3.78 39.64
C GLU A 14 -4.60 3.05 38.51
N ALA A 15 -3.85 2.69 37.48
CA ALA A 15 -4.43 2.10 36.28
C ALA A 15 -3.35 1.33 35.53
N ILE A 16 -3.79 0.58 34.52
CA ILE A 16 -2.90 -0.23 33.70
C ILE A 16 -2.42 0.60 32.51
N GLU A 17 -1.11 0.64 32.31
CA GLU A 17 -0.54 1.45 31.24
C GLU A 17 -1.09 1.05 29.87
N ILE A 18 -1.39 2.05 29.06
CA ILE A 18 -1.72 1.87 27.66
C ILE A 18 -0.50 2.25 26.83
N PRO A 19 0.01 1.37 25.97
CA PRO A 19 1.23 1.68 25.22
C PRO A 19 0.98 2.73 24.15
N GLN A 20 1.97 3.59 23.94
CA GLN A 20 1.97 4.57 22.88
C GLN A 20 3.08 4.25 21.89
N PHE A 21 2.81 4.46 20.61
CA PHE A 21 3.71 4.15 19.51
C PHE A 21 3.99 5.41 18.72
N ILE A 22 5.26 5.62 18.34
CA ILE A 22 5.70 6.83 17.67
CA ILE A 22 5.65 6.85 17.64
C ILE A 22 6.19 6.54 16.25
N GLY A 23 5.73 5.45 15.65
CA GLY A 23 6.11 5.16 14.29
C GLY A 23 7.24 4.17 14.15
N ARG A 24 8.29 4.33 14.95
CA ARG A 24 9.37 3.34 15.04
C ARG A 24 9.27 2.53 16.33
N SER A 25 8.04 2.25 16.76
CA SER A 25 7.77 1.51 17.97
C SER A 25 7.12 0.17 17.64
N TYR A 26 7.23 -0.77 18.57
CA TYR A 26 6.54 -2.06 18.47
C TYR A 26 6.64 -2.77 19.81
N LEU A 27 5.70 -3.68 20.01
CA LEU A 27 5.76 -4.68 21.06
C LEU A 27 5.84 -6.06 20.38
N THR A 28 6.70 -6.92 20.91
N THR A 28 6.70 -6.92 20.92
CA THR A 28 6.91 -8.26 20.38
CA THR A 28 6.91 -8.26 20.40
C THR A 28 6.43 -9.31 21.37
C THR A 28 6.37 -9.29 21.39
N TYR A 29 5.81 -10.37 20.85
CA TYR A 29 5.33 -11.48 21.67
C TYR A 29 5.82 -12.78 21.07
N ASP A 30 6.45 -13.61 21.90
CA ASP A 30 6.84 -14.96 21.49
C ASP A 30 6.26 -16.03 22.39
N ASN A 31 5.46 -15.64 23.40
CA ASN A 31 4.75 -16.55 24.27
C ASN A 31 4.01 -17.60 23.44
N PRO A 32 4.34 -18.90 23.60
CA PRO A 32 3.63 -19.92 22.80
C PRO A 32 2.13 -19.89 22.96
N ASP A 33 1.62 -19.55 24.16
CA ASP A 33 0.18 -19.47 24.36
C ASP A 33 -0.44 -18.36 23.51
N ILE A 34 0.35 -17.34 23.16
CA ILE A 34 -0.15 -16.28 22.29
C ILE A 34 -0.01 -16.68 20.83
N LEU A 35 1.19 -17.13 20.44
CA LEU A 35 1.42 -17.50 19.04
C LEU A 35 0.49 -18.61 18.59
N LYS A 36 0.17 -19.56 19.48
CA LYS A 36 -0.70 -20.67 19.09
C LYS A 36 -2.08 -20.18 18.66
N ARG A 37 -2.45 -18.97 19.05
CA ARG A 37 -3.72 -18.38 18.64
CA ARG A 37 -3.72 -18.39 18.64
C ARG A 37 -3.59 -17.49 17.41
N VAL A 38 -2.39 -17.38 16.85
CA VAL A 38 -2.15 -16.68 15.59
C VAL A 38 -1.57 -17.72 14.63
N SER A 39 -2.36 -18.72 14.29
CA SER A 39 -1.90 -19.85 13.49
C SER A 39 -3.10 -20.71 13.13
N GLY A 40 -2.90 -21.57 12.15
CA GLY A 40 -3.93 -22.53 11.81
C GLY A 40 -4.95 -21.99 10.83
N SER A 41 -6.15 -22.59 10.89
CA SER A 41 -7.22 -22.25 9.98
C SER A 41 -8.14 -21.16 10.49
N ARG A 42 -8.12 -20.89 11.80
CA ARG A 42 -9.03 -19.93 12.41
C ARG A 42 -8.21 -18.81 13.04
N SER A 43 -8.68 -17.57 12.88
CA SER A 43 -8.06 -16.40 13.49
C SER A 43 -9.15 -15.43 13.95
N ASN A 44 -8.98 -14.89 15.15
CA ASN A 44 -9.92 -13.92 15.71
C ASN A 44 -9.13 -12.85 16.44
N VAL A 45 -9.06 -11.65 15.85
CA VAL A 45 -8.27 -10.55 16.39
C VAL A 45 -9.21 -9.41 16.74
N PHE A 46 -9.14 -8.93 17.98
CA PHE A 46 -9.83 -7.72 18.40
C PHE A 46 -8.81 -6.70 18.87
N MET A 47 -9.03 -5.44 18.50
CA MET A 47 -8.15 -4.36 18.93
C MET A 47 -8.96 -3.07 19.10
N ARG A 48 -8.58 -2.29 20.09
CA ARG A 48 -9.05 -0.91 20.25
C ARG A 48 -7.82 -0.01 20.16
N PHE A 49 -7.92 1.04 19.35
CA PHE A 49 -6.78 1.88 19.05
C PHE A 49 -7.25 3.30 18.79
N LYS A 50 -6.29 4.23 18.75
CA LYS A 50 -6.55 5.57 18.24
C LYS A 50 -5.27 6.13 17.64
N THR A 51 -5.44 6.95 16.60
CA THR A 51 -4.31 7.49 15.85
C THR A 51 -4.74 8.79 15.17
N THR A 52 -3.75 9.62 14.87
CA THR A 52 -3.95 10.76 13.96
C THR A 52 -3.27 10.55 12.61
N ALA A 53 -2.39 9.56 12.49
CA ALA A 53 -1.71 9.30 11.22
C ALA A 53 -2.58 8.44 10.32
N LYS A 54 -2.55 8.73 9.02
CA LYS A 54 -3.38 8.01 8.07
C LYS A 54 -2.88 6.60 7.80
N ASP A 55 -1.59 6.33 8.01
CA ASP A 55 -1.01 5.02 7.76
C ASP A 55 -0.35 4.49 9.02
N GLY A 56 -0.22 3.17 9.09
CA GLY A 56 0.42 2.55 10.23
C GLY A 56 0.06 1.09 10.42
N LEU A 57 1.02 0.31 10.91
CA LEU A 57 0.83 -1.11 11.18
C LEU A 57 0.27 -1.31 12.57
N LEU A 58 -0.82 -2.06 12.68
CA LEU A 58 -1.40 -2.39 13.98
C LEU A 58 -0.96 -3.77 14.48
N LEU A 59 -1.00 -4.78 13.63
CA LEU A 59 -0.65 -6.14 14.02
C LEU A 59 -0.01 -6.84 12.82
N TRP A 60 0.98 -7.69 13.09
CA TRP A 60 1.63 -8.47 12.05
C TRP A 60 2.20 -9.75 12.63
N ARG A 61 1.98 -10.85 11.90
CA ARG A 61 2.78 -12.04 12.08
C ARG A 61 2.98 -12.67 10.71
N GLY A 62 4.24 -12.89 10.35
CA GLY A 62 4.58 -13.52 9.08
C GLY A 62 5.76 -14.46 9.22
N ASP A 63 6.49 -14.67 8.13
CA ASP A 63 7.71 -15.46 8.14
C ASP A 63 8.93 -14.55 8.28
N SER A 64 9.97 -15.09 8.91
CA SER A 64 11.27 -14.43 9.00
C SER A 64 12.32 -15.46 8.59
N PRO A 65 13.06 -15.24 7.49
CA PRO A 65 13.01 -14.08 6.59
C PRO A 65 11.71 -14.05 5.79
N MET A 66 11.22 -12.87 5.43
CA MET A 66 9.97 -12.77 4.69
C MET A 66 10.24 -13.01 3.20
N ARG A 67 9.60 -14.01 2.65
CA ARG A 67 9.73 -14.32 1.24
C ARG A 67 8.48 -13.88 0.47
N PRO A 68 8.57 -13.78 -0.86
CA PRO A 68 7.45 -13.22 -1.64
C PRO A 68 6.10 -13.85 -1.37
N ASN A 69 6.02 -15.17 -1.25
CA ASN A 69 4.75 -15.87 -1.06
C ASN A 69 4.63 -16.45 0.35
N SER A 70 5.36 -15.90 1.31
CA SER A 70 5.27 -16.35 2.70
C SER A 70 3.88 -16.09 3.27
N ASP A 71 3.47 -16.96 4.18
CA ASP A 71 2.23 -16.71 4.90
C ASP A 71 2.39 -15.47 5.78
N PHE A 72 1.28 -14.81 6.05
CA PHE A 72 1.28 -13.70 6.99
C PHE A 72 -0.16 -13.37 7.33
N ILE A 73 -0.33 -12.66 8.44
CA ILE A 73 -1.60 -12.05 8.79
C ILE A 73 -1.30 -10.64 9.28
N SER A 74 -2.15 -9.69 8.91
CA SER A 74 -1.81 -8.30 9.18
C SER A 74 -3.08 -7.48 9.38
N LEU A 75 -2.92 -6.41 10.16
CA LEU A 75 -3.97 -5.44 10.40
C LEU A 75 -3.31 -4.07 10.44
N GLY A 76 -3.85 -3.12 9.68
CA GLY A 76 -3.19 -1.83 9.62
C GLY A 76 -4.08 -0.79 8.99
N LEU A 77 -3.57 0.43 9.00
CA LEU A 77 -4.28 1.59 8.49
C LEU A 77 -3.71 2.02 7.14
N ARG A 78 -4.60 2.38 6.22
CA ARG A 78 -4.24 2.90 4.91
C ARG A 78 -5.10 4.13 4.65
N ASP A 79 -4.48 5.30 4.66
CA ASP A 79 -5.18 6.56 4.42
C ASP A 79 -6.42 6.67 5.32
N GLY A 80 -6.25 6.30 6.58
CA GLY A 80 -7.34 6.31 7.53
C GLY A 80 -8.25 5.09 7.47
N ALA A 81 -8.14 4.26 6.44
CA ALA A 81 -8.96 3.06 6.35
C ALA A 81 -8.24 1.87 6.98
N LEU A 82 -9.03 0.97 7.55
CA LEU A 82 -8.52 -0.25 8.18
C LEU A 82 -8.49 -1.40 7.18
N VAL A 83 -7.34 -2.07 7.10
CA VAL A 83 -7.12 -3.15 6.13
C VAL A 83 -6.76 -4.43 6.88
N PHE A 84 -7.57 -5.46 6.69
CA PHE A 84 -7.31 -6.80 7.21
C PHE A 84 -6.77 -7.65 6.05
N SER A 85 -5.56 -8.16 6.20
CA SER A 85 -4.90 -8.85 5.10
C SER A 85 -4.22 -10.12 5.61
N TYR A 86 -4.16 -11.13 4.75
CA TYR A 86 -3.46 -12.36 5.08
C TYR A 86 -3.15 -13.15 3.81
N ASN A 87 -2.05 -13.88 3.86
CA ASN A 87 -1.69 -14.85 2.85
C ASN A 87 -1.55 -16.22 3.52
N LEU A 88 -2.25 -17.21 2.99
CA LEU A 88 -2.19 -18.56 3.52
C LEU A 88 -1.31 -19.49 2.69
N GLY A 89 -0.64 -18.96 1.67
CA GLY A 89 0.24 -19.74 0.82
C GLY A 89 -0.14 -19.76 -0.65
N SER A 90 -1.35 -19.30 -1.01
CA SER A 90 -1.78 -19.29 -2.40
C SER A 90 -2.33 -17.93 -2.82
N GLY A 91 -1.95 -16.86 -2.13
CA GLY A 91 -2.44 -15.55 -2.49
C GLY A 91 -2.99 -14.75 -1.33
N VAL A 92 -3.02 -13.43 -1.49
CA VAL A 92 -3.33 -12.50 -0.43
C VAL A 92 -4.81 -12.13 -0.49
N ALA A 93 -5.47 -12.19 0.66
CA ALA A 93 -6.75 -11.50 0.85
C ALA A 93 -6.46 -10.14 1.46
N SER A 94 -7.17 -9.11 0.97
CA SER A 94 -7.09 -7.77 1.51
C SER A 94 -8.52 -7.25 1.66
N ILE A 95 -8.97 -7.06 2.89
CA ILE A 95 -10.34 -6.62 3.17
C ILE A 95 -10.26 -5.28 3.88
N MET A 96 -10.97 -4.29 3.33
CA MET A 96 -10.89 -2.92 3.81
C MET A 96 -12.25 -2.48 4.34
N VAL A 97 -12.23 -1.75 5.44
CA VAL A 97 -13.40 -1.00 5.90
C VAL A 97 -13.10 0.46 5.61
N ASN A 98 -13.86 1.04 4.69
CA ASN A 98 -13.58 2.40 4.24
C ASN A 98 -14.04 3.38 5.30
N GLY A 99 -13.10 4.10 5.90
CA GLY A 99 -13.42 5.12 6.85
C GLY A 99 -12.28 6.09 7.01
N SER A 100 -12.44 6.98 7.98
CA SER A 100 -11.39 7.90 8.41
C SER A 100 -11.21 7.71 9.91
N PHE A 101 -10.51 6.65 10.28
CA PHE A 101 -10.32 6.27 11.67
C PHE A 101 -9.10 6.92 12.30
N ASN A 102 -8.37 7.74 11.54
CA ASN A 102 -7.27 8.54 12.06
C ASN A 102 -7.75 9.89 12.60
N ASP A 103 -8.83 9.88 13.37
CA ASP A 103 -9.42 11.09 13.92
C ASP A 103 -9.03 11.31 15.38
N GLY A 104 -8.09 10.53 15.91
CA GLY A 104 -7.66 10.72 17.27
C GLY A 104 -8.65 10.31 18.33
N ARG A 105 -9.62 9.47 17.98
CA ARG A 105 -10.54 8.91 18.94
C ARG A 105 -10.43 7.39 18.91
N TRP A 106 -10.87 6.75 19.98
CA TRP A 106 -10.78 5.30 20.07
C TRP A 106 -11.72 4.63 19.07
N HIS A 107 -11.20 3.59 18.41
CA HIS A 107 -11.99 2.74 17.53
C HIS A 107 -11.70 1.29 17.87
N ARG A 108 -12.73 0.46 17.77
CA ARG A 108 -12.57 -0.98 17.97
C ARG A 108 -12.70 -1.69 16.62
N VAL A 109 -11.78 -2.62 16.36
CA VAL A 109 -11.77 -3.41 15.14
C VAL A 109 -11.77 -4.89 15.50
N LYS A 110 -12.66 -5.64 14.86
CA LYS A 110 -12.71 -7.10 15.00
C LYS A 110 -12.43 -7.71 13.63
N ALA A 111 -11.37 -8.50 13.54
CA ALA A 111 -10.98 -9.20 12.31
C ALA A 111 -11.07 -10.70 12.56
N VAL A 112 -11.85 -11.40 11.74
CA VAL A 112 -12.13 -12.81 11.93
C VAL A 112 -11.87 -13.55 10.61
N ARG A 113 -11.25 -14.72 10.71
CA ARG A 113 -10.93 -15.55 9.56
C ARG A 113 -11.15 -17.02 9.88
N ASP A 114 -11.79 -17.74 8.96
CA ASP A 114 -11.89 -19.19 9.01
CA ASP A 114 -11.90 -19.19 9.01
C ASP A 114 -11.49 -19.74 7.65
N GLY A 115 -10.32 -20.36 7.59
CA GLY A 115 -9.80 -20.80 6.31
C GLY A 115 -9.51 -19.59 5.44
N GLN A 116 -10.03 -19.60 4.21
CA GLN A 116 -9.83 -18.50 3.29
C GLN A 116 -10.74 -17.31 3.56
N SER A 117 -11.89 -17.52 4.21
CA SER A 117 -12.88 -16.46 4.30
C SER A 117 -12.56 -15.55 5.48
N GLY A 118 -12.58 -14.24 5.22
CA GLY A 118 -12.26 -13.26 6.23
C GLY A 118 -13.34 -12.20 6.34
N LYS A 119 -13.36 -11.56 7.51
CA LYS A 119 -14.36 -10.55 7.82
C LYS A 119 -13.74 -9.55 8.78
N ILE A 120 -14.01 -8.27 8.56
CA ILE A 120 -13.52 -7.20 9.43
C ILE A 120 -14.65 -6.23 9.70
N THR A 121 -14.84 -5.87 10.97
CA THR A 121 -15.83 -4.88 11.35
CA THR A 121 -15.84 -4.91 11.39
C THR A 121 -15.17 -3.84 12.24
N VAL A 122 -15.48 -2.57 11.96
CA VAL A 122 -14.94 -1.45 12.71
C VAL A 122 -16.10 -0.70 13.35
N ASP A 123 -16.02 -0.51 14.67
CA ASP A 123 -17.02 0.21 15.47
C ASP A 123 -18.39 -0.40 15.15
N ASP A 124 -19.38 0.40 14.74
CA ASP A 124 -20.68 -0.12 14.36
C ASP A 124 -20.93 0.01 12.86
N TYR A 125 -19.91 0.38 12.10
CA TYR A 125 -20.03 0.45 10.65
C TYR A 125 -20.24 -0.94 10.07
N GLY A 126 -20.75 -0.97 8.84
CA GLY A 126 -21.06 -2.25 8.21
C GLY A 126 -19.81 -3.08 7.97
N ALA A 127 -19.92 -4.38 8.28
CA ALA A 127 -18.80 -5.29 8.10
C ALA A 127 -18.47 -5.47 6.62
N ARG A 128 -17.21 -5.80 6.35
CA ARG A 128 -16.74 -6.10 5.02
C ARG A 128 -16.09 -7.48 5.02
N THR A 129 -16.30 -8.23 3.95
CA THR A 129 -15.81 -9.59 3.85
C THR A 129 -14.93 -9.75 2.62
N GLY A 130 -14.16 -10.83 2.62
CA GLY A 130 -13.24 -11.11 1.54
C GLY A 130 -12.75 -12.54 1.68
N LYS A 131 -11.90 -12.94 0.74
CA LYS A 131 -11.49 -14.33 0.64
C LYS A 131 -10.10 -14.42 0.02
N SER A 132 -9.22 -15.18 0.67
CA SER A 132 -7.92 -15.44 0.10
C SER A 132 -8.08 -16.37 -1.11
N PRO A 133 -7.34 -16.14 -2.19
CA PRO A 133 -7.46 -17.00 -3.37
C PRO A 133 -6.76 -18.34 -3.16
N GLY A 134 -6.99 -19.25 -4.11
CA GLY A 134 -6.38 -20.56 -4.07
C GLY A 134 -7.00 -21.50 -3.05
N MET A 135 -6.30 -22.60 -2.79
CA MET A 135 -6.81 -23.67 -1.95
C MET A 135 -6.22 -23.69 -0.54
N MET A 136 -5.19 -22.91 -0.26
CA MET A 136 -4.58 -22.90 1.06
C MET A 136 -5.57 -22.36 2.08
N ARG A 137 -5.65 -23.02 3.24
CA ARG A 137 -6.59 -22.62 4.29
C ARG A 137 -5.92 -22.35 5.64
N GLN A 138 -4.61 -22.55 5.77
CA GLN A 138 -3.95 -22.57 7.06
C GLN A 138 -2.86 -21.51 7.12
N LEU A 139 -2.79 -20.81 8.25
CA LEU A 139 -1.71 -19.88 8.53
C LEU A 139 -0.51 -20.67 9.04
N ASN A 140 0.56 -20.72 8.26
CA ASN A 140 1.79 -21.41 8.63
C ASN A 140 2.90 -20.38 8.73
N ILE A 141 3.12 -19.85 9.93
CA ILE A 141 4.03 -18.72 10.13
C ILE A 141 4.99 -19.02 11.27
N ASN A 142 6.24 -18.60 11.09
CA ASN A 142 7.32 -18.88 12.04
C ASN A 142 7.83 -17.64 12.75
N GLY A 143 7.35 -16.45 12.40
CA GLY A 143 7.85 -15.25 13.03
C GLY A 143 7.19 -14.95 14.37
N ALA A 144 7.75 -13.98 15.08
CA ALA A 144 7.10 -13.50 16.29
C ALA A 144 5.88 -12.66 15.92
N LEU A 145 5.01 -12.47 16.91
CA LEU A 145 3.86 -11.59 16.75
C LEU A 145 4.25 -10.17 17.12
N TYR A 146 3.92 -9.22 16.24
CA TYR A 146 4.27 -7.82 16.44
C TYR A 146 2.99 -6.99 16.52
N VAL A 147 3.03 -5.97 17.39
CA VAL A 147 1.90 -5.07 17.60
C VAL A 147 2.41 -3.63 17.45
N GLY A 148 1.68 -2.82 16.69
CA GLY A 148 1.97 -1.40 16.56
C GLY A 148 3.11 -1.05 15.63
N GLY A 149 3.79 -2.03 15.07
CA GLY A 149 4.98 -1.80 14.29
C GLY A 149 5.84 -3.04 14.33
N MET A 150 7.06 -2.91 13.82
CA MET A 150 8.02 -4.00 13.88
C MET A 150 9.38 -3.52 13.42
N LYS A 151 10.41 -4.31 13.73
CA LYS A 151 11.77 -4.02 13.29
C LYS A 151 11.89 -4.26 11.79
N GLU A 152 12.47 -3.29 11.08
CA GLU A 152 12.66 -3.34 9.63
C GLU A 152 11.34 -3.70 8.94
N ILE A 153 10.36 -2.82 9.15
CA ILE A 153 8.98 -3.13 8.79
C ILE A 153 8.82 -3.31 7.28
N ALA A 154 9.52 -2.51 6.49
CA ALA A 154 9.38 -2.60 5.04
C ALA A 154 9.88 -3.95 4.53
N LEU A 155 11.08 -4.35 4.96
CA LEU A 155 11.63 -5.64 4.56
C LEU A 155 10.71 -6.78 4.99
N HIS A 156 10.28 -6.79 6.25
CA HIS A 156 9.56 -7.94 6.79
C HIS A 156 8.10 -8.01 6.35
N THR A 157 7.51 -6.92 5.85
CA THR A 157 6.15 -6.97 5.34
C THR A 157 6.09 -6.93 3.81
N ASN A 158 7.21 -7.13 3.13
CA ASN A 158 7.29 -6.99 1.68
C ASN A 158 6.74 -5.64 1.23
N ARG A 159 7.14 -4.59 1.96
CA ARG A 159 6.77 -3.20 1.68
C ARG A 159 5.27 -2.95 1.75
N GLN A 160 4.50 -3.85 2.38
CA GLN A 160 3.08 -3.59 2.60
C GLN A 160 2.87 -2.43 3.57
N TYR A 161 3.76 -2.26 4.55
CA TYR A 161 3.73 -1.15 5.48
C TYR A 161 5.12 -0.57 5.60
N MET A 162 5.19 0.77 5.66
CA MET A 162 6.47 1.47 5.78
C MET A 162 6.72 2.03 7.17
N ARG A 163 5.69 2.22 7.99
CA ARG A 163 5.83 2.75 9.33
C ARG A 163 4.90 2.02 10.27
N GLY A 164 5.29 1.94 11.53
CA GLY A 164 4.40 1.44 12.55
C GLY A 164 3.33 2.45 12.88
N LEU A 165 2.46 2.07 13.81
CA LEU A 165 1.41 2.97 14.27
C LEU A 165 2.02 4.21 14.92
N VAL A 166 1.39 5.35 14.69
CA VAL A 166 1.61 6.55 15.49
C VAL A 166 0.32 6.76 16.28
N GLY A 167 0.31 6.36 17.54
CA GLY A 167 -0.90 6.41 18.33
C GLY A 167 -0.82 5.42 19.48
N CYS A 168 -1.99 5.01 19.96
CA CYS A 168 -2.09 4.15 21.13
C CYS A 168 -2.94 2.93 20.82
N ILE A 169 -2.68 1.85 21.55
CA ILE A 169 -3.48 0.63 21.49
C ILE A 169 -3.86 0.27 22.92
N SER A 170 -5.16 0.27 23.20
CA SER A 170 -5.66 0.05 24.55
C SER A 170 -6.04 -1.40 24.83
N HIS A 171 -6.44 -2.14 23.80
CA HIS A 171 -6.97 -3.49 23.98
C HIS A 171 -6.49 -4.36 22.85
N PHE A 172 -6.19 -5.62 23.17
CA PHE A 172 -5.78 -6.61 22.18
C PHE A 172 -6.22 -7.97 22.70
N THR A 173 -7.15 -8.60 21.99
CA THR A 173 -7.68 -9.89 22.36
C THR A 173 -7.60 -10.83 21.17
N LEU A 174 -7.27 -12.08 21.43
CA LEU A 174 -7.30 -13.12 20.41
C LEU A 174 -8.37 -14.15 20.80
N SER A 175 -8.83 -14.90 19.81
CA SER A 175 -9.77 -16.00 20.02
C SER A 175 -11.01 -15.56 20.79
N THR A 176 -11.43 -14.31 20.60
CA THR A 176 -12.61 -13.73 21.24
C THR A 176 -12.44 -13.53 22.74
N ASP A 177 -11.70 -14.43 23.40
CA ASP A 177 -11.68 -14.49 24.85
C ASP A 177 -10.29 -14.35 25.48
N TYR A 178 -9.23 -14.39 24.70
CA TYR A 178 -7.88 -14.49 25.24
C TYR A 178 -7.28 -13.09 25.25
N HIS A 179 -7.34 -12.43 26.40
CA HIS A 179 -6.87 -11.05 26.53
C HIS A 179 -5.34 -11.03 26.57
N ILE A 180 -4.75 -10.13 25.80
CA ILE A 180 -3.31 -9.86 25.84
C ILE A 180 -3.08 -8.61 26.67
N SER A 181 -2.28 -8.74 27.72
CA SER A 181 -1.80 -7.57 28.47
C SER A 181 -0.65 -6.96 27.67
N LEU A 182 -0.92 -5.85 27.00
CA LEU A 182 -0.05 -5.37 25.93
C LEU A 182 1.39 -5.18 26.41
N VAL A 183 1.58 -4.45 27.50
CA VAL A 183 2.92 -4.17 27.99
C VAL A 183 3.51 -5.37 28.71
N GLU A 184 2.74 -5.96 29.63
CA GLU A 184 3.29 -6.99 30.50
C GLU A 184 3.57 -8.29 29.77
N ASP A 185 2.76 -8.64 28.76
CA ASP A 185 2.94 -9.91 28.07
C ASP A 185 4.01 -9.87 26.98
N ALA A 186 4.47 -8.68 26.59
CA ALA A 186 5.46 -8.58 25.53
C ALA A 186 6.80 -9.14 26.00
N VAL A 187 7.49 -9.86 25.10
CA VAL A 187 8.85 -10.29 25.40
C VAL A 187 9.83 -9.16 25.14
N ASP A 188 9.47 -8.18 24.32
CA ASP A 188 10.35 -7.06 24.03
C ASP A 188 9.53 -5.91 23.49
N GLY A 189 10.12 -4.73 23.52
CA GLY A 189 9.47 -3.55 22.99
C GLY A 189 10.52 -2.53 22.60
N LYS A 190 10.11 -1.61 21.73
CA LYS A 190 10.99 -0.55 21.28
C LYS A 190 10.18 0.75 21.24
N ASN A 191 10.74 1.79 21.84
CA ASN A 191 10.13 3.12 21.81
C ASN A 191 8.68 3.11 22.30
N ILE A 192 8.46 2.44 23.43
CA ILE A 192 7.15 2.35 24.04
C ILE A 192 7.11 3.26 25.26
N ASN A 193 6.04 4.04 25.39
CA ASN A 193 5.80 4.83 26.57
C ASN A 193 4.29 4.89 26.81
N THR A 194 3.89 5.51 27.91
CA THR A 194 2.48 5.58 28.26
C THR A 194 1.73 6.47 27.29
N CYS A 195 0.51 6.07 26.96
CA CYS A 195 -0.33 6.86 26.05
C CYS A 195 -0.56 8.25 26.62
N GLY A 196 -0.22 9.27 25.83
CA GLY A 196 -0.39 10.65 26.22
C GLY A 196 0.85 11.30 26.80
N ALA A 197 1.83 10.51 27.24
CA ALA A 197 3.06 11.05 27.78
C ALA A 197 3.96 11.49 26.62
N LYS A 198 5.16 11.97 26.97
CA LYS A 198 6.21 12.46 26.06
C LYS A 198 5.99 13.93 25.74
N SER B 10 13.67 39.63 -30.43
CA SER B 10 12.48 39.22 -29.69
C SER B 10 12.77 37.99 -28.81
N ALA B 11 13.50 37.03 -29.38
CA ALA B 11 13.86 35.78 -28.70
C ALA B 11 12.63 35.00 -28.24
N ILE B 12 11.67 34.83 -29.16
CA ILE B 12 10.50 34.00 -28.90
C ILE B 12 10.83 32.60 -29.40
N ILE B 13 10.81 31.62 -28.49
CA ILE B 13 11.10 30.23 -28.82
C ILE B 13 9.79 29.46 -28.85
N GLU B 14 9.77 28.37 -29.61
CA GLU B 14 8.63 27.46 -29.69
C GLU B 14 9.06 26.07 -29.25
N ALA B 15 8.20 25.40 -28.49
CA ALA B 15 8.53 24.10 -27.92
C ALA B 15 7.24 23.34 -27.64
N ILE B 16 7.38 22.05 -27.33
CA ILE B 16 6.24 21.17 -27.08
C ILE B 16 5.89 21.18 -25.59
N GLU B 17 4.63 21.43 -25.29
CA GLU B 17 4.17 21.54 -23.91
C GLU B 17 4.45 20.27 -23.10
N ILE B 18 4.92 20.48 -21.88
CA ILE B 18 5.04 19.43 -20.87
C ILE B 18 3.89 19.59 -19.89
N PRO B 19 3.14 18.52 -19.58
CA PRO B 19 1.96 18.68 -18.72
C PRO B 19 2.32 18.94 -17.26
N GLN B 20 1.52 19.78 -16.62
CA GLN B 20 1.61 20.01 -15.18
C GLN B 20 0.35 19.49 -14.50
N PHE B 21 0.53 18.91 -13.32
CA PHE B 21 -0.55 18.29 -12.56
C PHE B 21 -0.64 18.94 -11.18
N ILE B 22 -1.87 19.16 -10.70
CA ILE B 22 -2.05 19.90 -9.45
C ILE B 22 -2.78 19.06 -8.40
N GLY B 23 -2.67 17.74 -8.49
CA GLY B 23 -3.29 16.89 -7.49
C GLY B 23 -4.60 16.28 -7.92
N ARG B 24 -5.43 17.07 -8.60
CA ARG B 24 -6.70 16.60 -9.15
CA ARG B 24 -6.70 16.62 -9.15
C ARG B 24 -6.65 16.60 -10.67
N SER B 25 -5.49 16.26 -11.23
CA SER B 25 -5.26 16.23 -12.66
C SER B 25 -4.96 14.81 -13.12
N TYR B 26 -5.13 14.58 -14.42
CA TYR B 26 -4.72 13.32 -15.05
C TYR B 26 -4.77 13.48 -16.56
N LEU B 27 -4.00 12.64 -17.24
CA LEU B 27 -4.12 12.42 -18.67
C LEU B 27 -4.53 10.97 -18.90
N THR B 28 -5.45 10.75 -19.84
CA THR B 28 -6.00 9.44 -20.12
C THR B 28 -5.66 9.03 -21.54
N TYR B 29 -5.41 7.73 -21.73
CA TYR B 29 -5.02 7.17 -23.02
C TYR B 29 -5.85 5.93 -23.30
N ASP B 30 -6.43 5.85 -24.50
CA ASP B 30 -7.14 4.66 -24.91
C ASP B 30 -6.62 4.03 -26.20
N ASN B 31 -5.61 4.62 -26.83
CA ASN B 31 -4.99 4.05 -28.01
C ASN B 31 -4.62 2.59 -27.74
N PRO B 32 -5.20 1.63 -28.47
CA PRO B 32 -4.88 0.22 -28.22
C PRO B 32 -3.39 -0.10 -28.36
N ASP B 33 -2.67 0.63 -29.21
CA ASP B 33 -1.24 0.38 -29.34
CA ASP B 33 -1.24 0.42 -29.37
C ASP B 33 -0.46 0.88 -28.14
N ILE B 34 -1.05 1.72 -27.30
CA ILE B 34 -0.47 2.10 -26.03
C ILE B 34 -0.85 1.13 -24.94
N LEU B 35 -2.15 0.85 -24.82
CA LEU B 35 -2.67 -0.01 -23.75
C LEU B 35 -2.05 -1.41 -23.82
N LYS B 36 -1.84 -1.93 -25.03
CA LYS B 36 -1.30 -3.28 -25.19
C LYS B 36 0.11 -3.42 -24.64
N ARG B 37 0.85 -2.32 -24.53
CA ARG B 37 2.21 -2.37 -24.02
C ARG B 37 2.27 -2.29 -22.49
N VAL B 38 1.11 -2.16 -21.83
CA VAL B 38 1.04 -2.14 -20.38
C VAL B 38 0.61 -3.52 -19.87
N SER B 39 -0.25 -4.19 -20.63
CA SER B 39 -0.89 -5.43 -20.20
C SER B 39 -0.10 -6.66 -20.66
N GLY B 40 -0.51 -7.81 -20.13
CA GLY B 40 0.06 -9.09 -20.52
C GLY B 40 1.21 -9.56 -19.67
N SER B 41 2.17 -10.26 -20.30
CA SER B 41 3.24 -10.87 -19.53
CA SER B 41 3.26 -10.88 -19.55
C SER B 41 4.32 -9.87 -19.12
N ARG B 42 4.42 -8.74 -19.82
CA ARG B 42 5.52 -7.80 -19.60
C ARG B 42 5.00 -6.38 -19.56
N SER B 43 5.60 -5.57 -18.69
CA SER B 43 5.33 -4.14 -18.59
C SER B 43 6.67 -3.45 -18.42
N ASN B 44 6.90 -2.40 -19.21
CA ASN B 44 8.19 -1.71 -19.18
C ASN B 44 7.87 -0.21 -19.23
N VAL B 45 8.01 0.46 -18.09
CA VAL B 45 7.63 1.86 -17.95
C VAL B 45 8.88 2.68 -17.63
N PHE B 46 9.11 3.71 -18.42
CA PHE B 46 10.08 4.76 -18.10
C PHE B 46 9.34 6.08 -17.99
N MET B 47 9.72 6.88 -16.99
CA MET B 47 9.14 8.19 -16.80
C MET B 47 10.19 9.14 -16.24
N ARG B 48 10.13 10.39 -16.68
CA ARG B 48 10.89 11.47 -16.07
C ARG B 48 9.90 12.48 -15.50
N PHE B 49 10.07 12.81 -14.22
CA PHE B 49 9.08 13.62 -13.53
C PHE B 49 9.76 14.48 -12.47
N LYS B 50 9.00 15.42 -11.93
CA LYS B 50 9.40 16.17 -10.75
C LYS B 50 8.15 16.53 -9.97
N THR B 51 8.31 16.69 -8.66
CA THR B 51 7.16 16.89 -7.79
C THR B 51 7.58 17.73 -6.58
N THR B 52 6.59 18.40 -6.00
CA THR B 52 6.76 19.05 -4.72
C THR B 52 6.03 18.34 -3.59
N ALA B 53 5.05 17.50 -3.90
CA ALA B 53 4.32 16.74 -2.90
C ALA B 53 5.02 15.42 -2.61
N LYS B 54 4.95 14.99 -1.35
CA LYS B 54 5.55 13.72 -0.97
C LYS B 54 4.74 12.53 -1.48
N ASP B 55 3.46 12.74 -1.78
CA ASP B 55 2.58 11.69 -2.27
C ASP B 55 1.99 12.11 -3.61
N GLY B 56 1.61 11.12 -4.41
CA GLY B 56 0.98 11.37 -5.69
C GLY B 56 1.08 10.21 -6.65
N LEU B 57 0.04 10.00 -7.44
CA LEU B 57 -0.01 8.91 -8.42
C LEU B 57 0.62 9.39 -9.72
N LEU B 58 1.55 8.58 -10.24
CA LEU B 58 2.19 8.86 -11.53
C LEU B 58 1.55 8.10 -12.70
N LEU B 59 1.27 6.81 -12.53
CA LEU B 59 0.71 5.99 -13.59
C LEU B 59 -0.22 4.97 -12.98
N TRP B 60 -1.31 4.67 -13.69
CA TRP B 60 -2.24 3.65 -13.25
C TRP B 60 -2.97 3.06 -14.43
N ARG B 61 -3.06 1.73 -14.47
CA ARG B 61 -4.04 1.05 -15.31
C ARG B 61 -4.54 -0.18 -14.57
N GLY B 62 -5.86 -0.27 -14.43
CA GLY B 62 -6.48 -1.40 -13.75
C GLY B 62 -7.78 -1.82 -14.40
N ASP B 63 -8.68 -2.40 -13.61
CA ASP B 63 -10.03 -2.72 -14.07
C ASP B 63 -11.00 -1.60 -13.70
N SER B 64 -12.00 -1.42 -14.55
CA SER B 64 -13.10 -0.51 -14.26
C SER B 64 -14.39 -1.24 -14.59
N PRO B 65 -15.28 -1.49 -13.61
CA PRO B 65 -15.20 -1.12 -12.19
C PRO B 65 -14.13 -1.90 -11.43
N MET B 66 -13.57 -1.30 -10.38
CA MET B 66 -12.53 -1.96 -9.59
C MET B 66 -13.19 -2.93 -8.62
N ARG B 67 -12.81 -4.20 -8.72
CA ARG B 67 -13.28 -5.28 -7.87
C ARG B 67 -12.22 -5.61 -6.82
N PRO B 68 -12.60 -6.32 -5.75
CA PRO B 68 -11.62 -6.55 -4.67
C PRO B 68 -10.28 -7.10 -5.13
N ASN B 69 -10.29 -8.05 -6.06
CA ASN B 69 -9.06 -8.69 -6.52
C ASN B 69 -8.73 -8.33 -7.96
N SER B 70 -9.22 -7.20 -8.47
CA SER B 70 -8.94 -6.82 -9.84
C SER B 70 -7.44 -6.58 -10.05
N ASP B 71 -6.97 -6.92 -11.25
CA ASP B 71 -5.61 -6.63 -11.63
C ASP B 71 -5.40 -5.13 -11.79
N PHE B 72 -4.16 -4.70 -11.61
CA PHE B 72 -3.78 -3.30 -11.83
C PHE B 72 -2.26 -3.22 -11.86
N ILE B 73 -1.78 -2.10 -12.39
CA ILE B 73 -0.37 -1.72 -12.32
C ILE B 73 -0.33 -0.24 -12.00
N SER B 74 0.64 0.17 -11.17
CA SER B 74 0.66 1.53 -10.68
C SER B 74 2.08 1.97 -10.42
N LEU B 75 2.28 3.28 -10.51
CA LEU B 75 3.54 3.92 -10.18
C LEU B 75 3.19 5.22 -9.48
N GLY B 76 3.81 5.47 -8.32
CA GLY B 76 3.43 6.67 -7.59
C GLY B 76 4.42 6.95 -6.48
N LEU B 77 4.19 8.09 -5.82
CA LEU B 77 5.02 8.54 -4.71
C LEU B 77 4.28 8.33 -3.40
N ARG B 78 4.99 7.81 -2.41
CA ARG B 78 4.45 7.62 -1.06
C ARG B 78 5.52 8.04 -0.05
N ASP B 79 5.25 9.12 0.68
CA ASP B 79 6.18 9.65 1.68
C ASP B 79 7.57 9.89 1.10
N GLY B 80 7.60 10.49 -0.09
CA GLY B 80 8.85 10.77 -0.76
C GLY B 80 9.47 9.59 -1.49
N ALA B 81 8.99 8.38 -1.26
CA ALA B 81 9.51 7.20 -1.95
C ALA B 81 8.67 6.88 -3.18
N LEU B 82 9.35 6.32 -4.19
CA LEU B 82 8.68 5.86 -5.40
C LEU B 82 8.30 4.41 -5.23
N VAL B 83 7.04 4.08 -5.50
CA VAL B 83 6.50 2.74 -5.27
C VAL B 83 5.95 2.20 -6.59
N PHE B 84 6.51 1.08 -7.03
CA PHE B 84 6.03 0.34 -8.19
C PHE B 84 5.18 -0.82 -7.69
N SER B 85 3.91 -0.88 -8.11
CA SER B 85 2.98 -1.87 -7.58
C SER B 85 2.18 -2.51 -8.70
N TYR B 86 1.77 -3.75 -8.48
CA TYR B 86 0.90 -4.44 -9.42
C TYR B 86 0.24 -5.63 -8.73
N ASN B 87 -0.98 -5.91 -9.17
CA ASN B 87 -1.71 -7.12 -8.79
C ASN B 87 -2.03 -7.90 -10.05
N LEU B 88 -1.66 -9.16 -10.09
CA LEU B 88 -1.93 -10.03 -11.23
C LEU B 88 -3.14 -10.93 -10.98
N GLY B 89 -3.82 -10.74 -9.85
CA GLY B 89 -4.99 -11.52 -9.52
C GLY B 89 -4.88 -12.28 -8.22
N SER B 90 -3.69 -12.43 -7.63
CA SER B 90 -3.56 -13.15 -6.37
C SER B 90 -2.78 -12.35 -5.34
N GLY B 91 -2.75 -11.03 -5.46
CA GLY B 91 -2.08 -10.20 -4.48
C GLY B 91 -1.13 -9.17 -5.05
N VAL B 92 -0.86 -8.13 -4.27
CA VAL B 92 -0.10 -6.98 -4.73
C VAL B 92 1.37 -7.20 -4.43
N ALA B 93 2.23 -6.94 -5.42
CA ALA B 93 3.64 -6.70 -5.19
C ALA B 93 3.85 -5.20 -5.09
N SER B 94 4.68 -4.78 -4.14
CA SER B 94 5.02 -3.37 -3.94
C SER B 94 6.53 -3.26 -3.82
N ILE B 95 7.16 -2.59 -4.77
CA ILE B 95 8.61 -2.40 -4.80
C ILE B 95 8.89 -0.91 -4.72
N MET B 96 9.68 -0.50 -3.74
CA MET B 96 9.93 0.92 -3.48
C MET B 96 11.42 1.23 -3.58
N VAL B 97 11.74 2.40 -4.12
CA VAL B 97 13.07 2.97 -4.01
C VAL B 97 12.95 4.17 -3.08
N ASN B 98 13.58 4.08 -1.91
CA ASN B 98 13.48 5.10 -0.88
C ASN B 98 14.36 6.29 -1.25
N GLY B 99 13.74 7.45 -1.37
CA GLY B 99 14.47 8.67 -1.63
C GLY B 99 13.65 9.85 -1.19
N SER B 100 14.12 11.03 -1.56
CA SER B 100 13.38 12.28 -1.36
C SER B 100 13.25 12.92 -2.74
N PHE B 101 12.28 12.43 -3.50
CA PHE B 101 12.10 12.87 -4.87
C PHE B 101 11.20 14.09 -4.99
N ASN B 102 10.66 14.57 -3.87
CA ASN B 102 9.99 15.87 -3.84
C ASN B 102 10.97 16.99 -3.55
N ASP B 103 12.13 16.94 -4.20
CA ASP B 103 13.20 17.91 -4.03
C ASP B 103 13.25 18.92 -5.17
N GLY B 104 12.22 18.97 -6.02
CA GLY B 104 12.17 19.95 -7.07
C GLY B 104 13.13 19.73 -8.21
N ARG B 105 13.63 18.50 -8.40
CA ARG B 105 14.46 18.16 -9.53
C ARG B 105 13.80 17.06 -10.35
N TRP B 106 14.20 16.97 -11.62
CA TRP B 106 13.72 15.88 -12.47
C TRP B 106 14.34 14.56 -12.00
N HIS B 107 13.54 13.51 -12.02
CA HIS B 107 14.01 12.17 -11.69
C HIS B 107 13.58 11.21 -12.77
N ARG B 108 14.45 10.23 -13.03
CA ARG B 108 14.17 9.19 -14.00
C ARG B 108 13.81 7.91 -13.25
N VAL B 109 12.72 7.27 -13.66
CA VAL B 109 12.30 6.01 -13.07
C VAL B 109 12.07 5.00 -14.19
N LYS B 110 12.63 3.80 -14.01
CA LYS B 110 12.39 2.65 -14.88
C LYS B 110 11.73 1.57 -14.04
N ALA B 111 10.48 1.23 -14.37
CA ALA B 111 9.74 0.19 -13.71
C ALA B 111 9.48 -0.91 -14.71
N VAL B 112 9.93 -2.12 -14.38
CA VAL B 112 9.87 -3.26 -15.30
C VAL B 112 9.26 -4.44 -14.58
N ARG B 113 8.39 -5.16 -15.28
CA ARG B 113 7.73 -6.34 -14.73
C ARG B 113 7.77 -7.42 -15.80
N ASP B 114 8.14 -8.63 -15.39
CA ASP B 114 8.17 -9.80 -16.26
C ASP B 114 7.45 -10.91 -15.51
N GLY B 115 6.22 -11.20 -15.89
CA GLY B 115 5.42 -12.15 -15.12
C GLY B 115 5.17 -11.60 -13.73
N GLN B 116 5.51 -12.41 -12.72
CA GLN B 116 5.36 -12.00 -11.33
C GLN B 116 6.48 -11.09 -10.85
N SER B 117 7.65 -11.15 -11.49
CA SER B 117 8.84 -10.50 -10.99
C SER B 117 8.92 -9.07 -11.47
N GLY B 118 9.21 -8.14 -10.55
CA GLY B 118 9.27 -6.74 -10.88
C GLY B 118 10.59 -6.13 -10.44
N LYS B 119 10.92 -5.01 -11.07
CA LYS B 119 12.15 -4.29 -10.81
C LYS B 119 11.91 -2.81 -11.02
N ILE B 120 12.45 -1.98 -10.12
CA ILE B 120 12.34 -0.53 -10.24
C ILE B 120 13.70 0.08 -9.98
N THR B 121 14.11 1.01 -10.86
CA THR B 121 15.34 1.73 -10.67
CA THR B 121 15.36 1.73 -10.75
C THR B 121 15.07 3.22 -10.86
N VAL B 122 15.64 4.02 -9.96
CA VAL B 122 15.43 5.46 -9.95
C VAL B 122 16.78 6.16 -9.96
N ASP B 123 16.97 7.07 -10.90
CA ASP B 123 18.20 7.87 -11.03
C ASP B 123 19.39 6.90 -11.03
N ASP B 124 20.37 7.06 -10.16
CA ASP B 124 21.50 6.14 -10.05
C ASP B 124 21.47 5.33 -8.76
N TYR B 125 20.37 5.38 -8.00
CA TYR B 125 20.26 4.54 -6.83
C TYR B 125 20.23 3.07 -7.24
N GLY B 126 20.53 2.21 -6.27
CA GLY B 126 20.50 0.78 -6.51
C GLY B 126 19.09 0.32 -6.81
N ALA B 127 18.96 -0.54 -7.81
CA ALA B 127 17.65 -1.06 -8.18
C ALA B 127 17.08 -1.93 -7.06
N ARG B 128 15.75 -2.01 -7.02
CA ARG B 128 15.05 -2.84 -6.06
C ARG B 128 14.12 -3.78 -6.82
N THR B 129 14.01 -5.01 -6.34
CA THR B 129 13.23 -6.05 -6.99
C THR B 129 12.17 -6.61 -6.04
N GLY B 130 11.21 -7.32 -6.63
CA GLY B 130 10.13 -7.92 -5.87
C GLY B 130 9.37 -8.87 -6.76
N LYS B 131 8.36 -9.50 -6.17
CA LYS B 131 7.62 -10.55 -6.85
C LYS B 131 6.21 -10.60 -6.28
N SER B 132 5.21 -10.61 -7.14
CA SER B 132 3.83 -10.69 -6.67
C SER B 132 3.56 -12.07 -6.09
N PRO B 133 2.76 -12.14 -5.01
CA PRO B 133 2.46 -13.44 -4.38
C PRO B 133 1.51 -14.27 -5.22
N GLY B 134 1.32 -15.52 -4.81
CA GLY B 134 0.44 -16.40 -5.53
C GLY B 134 1.08 -16.86 -6.83
N MET B 135 0.24 -17.44 -7.70
CA MET B 135 0.69 -18.04 -8.95
C MET B 135 0.37 -17.23 -10.20
N MET B 136 -0.44 -16.17 -10.10
CA MET B 136 -0.82 -15.39 -11.27
C MET B 136 0.39 -14.70 -11.90
N ARG B 137 0.49 -14.77 -13.23
CA ARG B 137 1.60 -14.18 -13.97
C ARG B 137 1.22 -13.15 -15.03
N GLN B 138 -0.07 -12.89 -15.26
CA GLN B 138 -0.47 -12.03 -16.37
C GLN B 138 -1.29 -10.85 -15.88
N LEU B 139 -0.98 -9.66 -16.41
CA LEU B 139 -1.77 -8.45 -16.18
C LEU B 139 -2.96 -8.44 -17.13
N ASN B 140 -4.16 -8.65 -16.58
CA ASN B 140 -5.39 -8.69 -17.35
C ASN B 140 -6.26 -7.53 -16.89
N ILE B 141 -6.18 -6.40 -17.61
CA ILE B 141 -6.82 -5.17 -17.20
C ILE B 141 -7.63 -4.62 -18.38
N ASN B 142 -8.81 -4.07 -18.08
CA ASN B 142 -9.70 -3.56 -19.10
C ASN B 142 -9.86 -2.05 -19.06
N GLY B 143 -9.26 -1.37 -18.09
CA GLY B 143 -9.43 0.06 -17.97
C GLY B 143 -8.52 0.87 -18.88
N ALA B 144 -8.80 2.17 -18.94
CA ALA B 144 -7.92 3.09 -19.64
C ALA B 144 -6.63 3.32 -18.84
N LEU B 145 -5.63 3.84 -19.53
CA LEU B 145 -4.37 4.19 -18.90
C LEU B 145 -4.43 5.63 -18.40
N TYR B 146 -4.04 5.83 -17.15
CA TYR B 146 -4.05 7.15 -16.54
C TYR B 146 -2.63 7.54 -16.13
N VAL B 147 -2.30 8.81 -16.31
CA VAL B 147 -0.99 9.37 -15.98
C VAL B 147 -1.18 10.59 -15.09
N GLY B 148 -0.39 10.67 -14.01
CA GLY B 148 -0.40 11.82 -13.14
C GLY B 148 -1.58 11.88 -12.17
N GLY B 149 -2.47 10.91 -12.21
CA GLY B 149 -3.69 10.95 -11.45
C GLY B 149 -4.72 10.08 -12.14
N MET B 150 -5.96 10.19 -11.68
CA MET B 150 -7.04 9.47 -12.35
C MET B 150 -8.39 9.93 -11.81
N LYS B 151 -9.43 9.58 -12.56
CA LYS B 151 -10.80 9.85 -12.13
C LYS B 151 -11.18 8.90 -11.01
N GLU B 152 -11.78 9.45 -9.94
CA GLU B 152 -12.18 8.69 -8.77
C GLU B 152 -11.02 7.84 -8.25
N ILE B 153 -9.95 8.54 -7.87
CA ILE B 153 -8.69 7.87 -7.57
C ILE B 153 -8.81 7.00 -6.33
N ALA B 154 -9.53 7.46 -5.31
CA ALA B 154 -9.64 6.71 -4.06
C ALA B 154 -10.33 5.38 -4.28
N LEU B 155 -11.46 5.40 -5.00
CA LEU B 155 -12.18 4.17 -5.31
C LEU B 155 -11.29 3.19 -6.08
N HIS B 156 -10.65 3.68 -7.15
CA HIS B 156 -9.95 2.76 -8.05
C HIS B 156 -8.62 2.28 -7.50
N THR B 157 -8.00 2.99 -6.56
CA THR B 157 -6.73 2.53 -6.00
C THR B 157 -6.89 1.91 -4.62
N ASN B 158 -8.12 1.64 -4.18
CA ASN B 158 -8.38 1.08 -2.86
C ASN B 158 -7.69 1.89 -1.77
N ARG B 159 -7.84 3.20 -1.84
CA ARG B 159 -7.27 4.16 -0.90
C ARG B 159 -5.74 4.12 -0.86
N GLN B 160 -5.10 3.49 -1.85
CA GLN B 160 -3.65 3.55 -1.92
C GLN B 160 -3.17 4.94 -2.32
N TYR B 161 -3.96 5.64 -3.12
CA TYR B 161 -3.68 7.03 -3.48
C TYR B 161 -4.94 7.85 -3.33
N MET B 162 -4.81 9.04 -2.74
CA MET B 162 -5.90 9.99 -2.61
C MET B 162 -5.78 11.18 -3.54
N ARG B 163 -4.58 11.45 -4.05
CA ARG B 163 -4.38 12.57 -4.96
C ARG B 163 -3.43 12.15 -6.07
N GLY B 164 -3.59 12.78 -7.22
CA GLY B 164 -2.64 12.62 -8.30
C GLY B 164 -1.36 13.37 -8.02
N LEU B 165 -0.46 13.31 -8.99
CA LEU B 165 0.80 14.02 -8.88
C LEU B 165 0.58 15.52 -8.72
N VAL B 166 1.41 16.15 -7.90
CA VAL B 166 1.56 17.60 -7.90
C VAL B 166 2.94 17.86 -8.47
N GLY B 167 3.01 18.19 -9.75
CA GLY B 167 4.28 18.36 -10.42
C GLY B 167 4.12 18.19 -11.92
N CYS B 168 5.23 17.81 -12.56
CA CYS B 168 5.30 17.70 -14.00
C CYS B 168 5.84 16.34 -14.41
N ILE B 169 5.47 15.92 -15.61
CA ILE B 169 5.99 14.71 -16.24
C ILE B 169 6.46 15.09 -17.64
N SER B 170 7.76 14.95 -17.88
CA SER B 170 8.34 15.38 -19.15
C SER B 170 8.45 14.27 -20.16
N HIS B 171 8.60 13.03 -19.70
CA HIS B 171 8.87 11.89 -20.57
C HIS B 171 8.12 10.67 -20.07
N PHE B 172 7.61 9.88 -21.01
CA PHE B 172 6.91 8.64 -20.70
C PHE B 172 7.07 7.71 -21.89
N THR B 173 7.74 6.57 -21.67
CA THR B 173 7.96 5.58 -22.71
C THR B 173 7.54 4.20 -22.22
N LEU B 174 7.00 3.41 -23.13
CA LEU B 174 6.68 2.01 -22.90
C LEU B 174 7.57 1.14 -23.79
N SER B 175 7.58 -0.15 -23.49
CA SER B 175 8.36 -1.14 -24.26
C SER B 175 9.83 -0.71 -24.23
N THR B 176 10.55 -0.81 -25.35
CA THR B 176 11.94 -0.41 -25.35
C THR B 176 12.12 1.09 -25.64
N ASP B 177 11.49 1.61 -26.70
CA ASP B 177 11.63 3.01 -27.10
CA ASP B 177 11.61 3.04 -26.98
C ASP B 177 10.30 3.66 -27.43
N TYR B 178 9.16 3.08 -27.03
CA TYR B 178 7.87 3.58 -27.49
C TYR B 178 7.51 4.88 -26.79
N HIS B 179 7.73 6.01 -27.46
CA HIS B 179 7.47 7.30 -26.86
C HIS B 179 5.97 7.59 -26.81
N ILE B 180 5.50 8.03 -25.64
CA ILE B 180 4.15 8.52 -25.46
C ILE B 180 4.20 10.04 -25.50
N SER B 181 3.47 10.65 -26.43
CA SER B 181 3.31 12.10 -26.44
C SER B 181 2.28 12.47 -25.37
N LEU B 182 2.76 13.03 -24.26
CA LEU B 182 1.95 13.10 -23.05
C LEU B 182 0.66 13.87 -23.28
N VAL B 183 0.74 15.06 -23.89
CA VAL B 183 -0.46 15.84 -24.14
CA VAL B 183 -0.46 15.85 -24.15
C VAL B 183 -1.13 15.42 -25.45
N GLU B 184 -0.33 15.15 -26.49
CA GLU B 184 -0.89 14.94 -27.81
CA GLU B 184 -0.89 14.93 -27.82
C GLU B 184 -1.60 13.58 -27.92
N ASP B 185 -1.00 12.53 -27.35
CA ASP B 185 -1.60 11.20 -27.39
C ASP B 185 -2.78 11.04 -26.45
N ALA B 186 -2.99 11.97 -25.52
CA ALA B 186 -4.05 11.83 -24.54
C ALA B 186 -5.40 11.93 -25.21
N VAL B 187 -6.29 10.99 -24.90
CA VAL B 187 -7.65 11.05 -25.42
CA VAL B 187 -7.64 11.06 -25.43
C VAL B 187 -8.51 11.98 -24.57
N ASP B 188 -8.16 12.15 -23.30
CA ASP B 188 -8.91 13.02 -22.41
C ASP B 188 -7.95 13.57 -21.36
N GLY B 189 -8.36 14.66 -20.72
CA GLY B 189 -7.56 15.24 -19.67
C GLY B 189 -8.38 16.09 -18.73
N LYS B 190 -7.84 16.29 -17.54
CA LYS B 190 -8.46 17.12 -16.51
C LYS B 190 -7.39 17.95 -15.83
N ASN B 191 -7.62 19.25 -15.73
CA ASN B 191 -6.75 20.17 -14.98
C ASN B 191 -5.29 20.04 -15.39
N ILE B 192 -5.03 20.18 -16.69
CA ILE B 192 -3.67 20.14 -17.23
CA ILE B 192 -3.68 20.12 -17.24
C ILE B 192 -3.32 21.50 -17.76
N ASN B 193 -2.14 22.00 -17.38
CA ASN B 193 -1.59 23.21 -17.94
C ASN B 193 -0.10 22.96 -18.18
N THR B 194 0.57 23.93 -18.77
CA THR B 194 1.98 23.74 -19.09
C THR B 194 2.80 23.76 -17.81
N CYS B 195 3.85 22.93 -17.78
CA CYS B 195 4.74 22.87 -16.62
C CYS B 195 5.35 24.24 -16.35
N GLY B 196 5.17 24.74 -15.13
CA GLY B 196 5.72 26.02 -14.73
C GLY B 196 4.75 27.19 -14.86
N ALA B 197 3.66 27.03 -15.60
CA ALA B 197 2.70 28.10 -15.78
C ALA B 197 1.85 28.29 -14.53
N LYS B 198 0.90 29.22 -14.64
CA LYS B 198 -0.07 29.64 -13.60
C LYS B 198 0.56 30.77 -12.80
#